data_1OMZ
#
_entry.id   1OMZ
#
_cell.length_a   126.339
_cell.length_b   126.339
_cell.length_c   83.929
_cell.angle_alpha   90.00
_cell.angle_beta   90.00
_cell.angle_gamma   90.00
#
_symmetry.space_group_name_H-M   'P 4 21 2'
#
loop_
_entity.id
_entity.type
_entity.pdbx_description
1 polymer 'Alpha-1,4-N-acetylhexosaminyltransferase EXTL2'
2 non-polymer 'MANGANESE (II) ION'
3 non-polymer URIDINE-DIPHOSPHATE-N-ACETYLGALACTOSAMINE
4 non-polymer 1,2-ETHANEDIOL
5 water water
#
_entity_poly.entity_id   1
_entity_poly.type   'polypeptide(L)'
_entity_poly.pdbx_seq_one_letter_code
;TNLLPNIKEDKMLTLRREIKSPSKSALDSFTLIMQTYNRTDLLLRLLNHYQAVPSLHKVIVVWNNVGEKGPEELWNSLGP
HPIPVIFKPQTANKMRNRLQVFPEVETNAVLMVDDDTLISAQDLVFAFSIWQQFPDQIIGFVPRKHVSTSSGIYSYGGFE
LQTPGPGNGDQYSMVLIGASFFNSKYLELFQKQPAAVHALIDETQNCDDIAMNFLVTRHTGKPSGIFVKPINMVNLEKET
NGYSGMWHRAEHFLQRSYCINKLVNIYDGMPLKYSNIMISQFGFPYANHKSKM
;
_entity_poly.pdbx_strand_id   A,B
#
# COMPACT_ATOMS: atom_id res chain seq x y z
N ALA A 26 -9.44 12.90 21.46
CA ALA A 26 -10.16 11.75 20.85
C ALA A 26 -9.97 11.71 19.34
N LEU A 27 -9.63 12.86 18.77
CA LEU A 27 -9.40 12.94 17.33
C LEU A 27 -7.97 12.48 17.01
N ASP A 28 -7.80 11.78 15.90
CA ASP A 28 -6.49 11.29 15.51
C ASP A 28 -5.89 10.40 16.59
N SER A 29 -6.77 9.73 17.32
CA SER A 29 -6.36 8.81 18.38
C SER A 29 -7.11 7.50 18.21
N PHE A 30 -6.62 6.45 18.86
CA PHE A 30 -7.24 5.14 18.79
C PHE A 30 -7.48 4.59 20.19
N THR A 31 -8.37 3.61 20.29
CA THR A 31 -8.67 3.01 21.58
C THR A 31 -8.25 1.55 21.55
N LEU A 32 -7.52 1.12 22.58
CA LEU A 32 -7.07 -0.26 22.68
C LEU A 32 -8.12 -1.12 23.37
N ILE A 33 -8.55 -2.19 22.71
CA ILE A 33 -9.51 -3.10 23.30
C ILE A 33 -8.80 -4.43 23.50
N MET A 34 -8.54 -4.78 24.75
CA MET A 34 -7.85 -6.01 25.06
C MET A 34 -8.70 -6.93 25.93
N GLN A 35 -9.08 -8.07 25.38
CA GLN A 35 -9.88 -9.05 26.07
C GLN A 35 -8.89 -9.97 26.77
N THR A 36 -9.15 -10.30 28.03
CA THR A 36 -8.22 -11.13 28.77
C THR A 36 -8.89 -12.30 29.49
N TYR A 37 -8.16 -13.41 29.58
CA TYR A 37 -8.65 -14.62 30.24
C TYR A 37 -7.48 -15.45 30.78
N ASN A 38 -7.44 -15.60 32.10
CA ASN A 38 -6.37 -16.35 32.76
C ASN A 38 -4.98 -15.99 32.28
N ARG A 39 -4.74 -14.70 32.10
CA ARG A 39 -3.45 -14.20 31.65
C ARG A 39 -3.20 -12.84 32.28
N THR A 40 -3.71 -12.65 33.49
CA THR A 40 -3.57 -11.39 34.19
C THR A 40 -2.14 -10.87 34.30
N ASP A 41 -1.19 -11.79 34.55
CA ASP A 41 0.20 -11.38 34.64
C ASP A 41 0.69 -10.79 33.31
N LEU A 42 0.31 -11.42 32.21
CA LEU A 42 0.71 -10.93 30.88
C LEU A 42 0.00 -9.61 30.63
N LEU A 43 -1.30 -9.60 30.88
CA LEU A 43 -2.13 -8.42 30.70
C LEU A 43 -1.48 -7.19 31.33
N LEU A 44 -1.10 -7.31 32.59
CA LEU A 44 -0.48 -6.20 33.31
C LEU A 44 0.84 -5.78 32.67
N ARG A 45 1.60 -6.75 32.18
CA ARG A 45 2.89 -6.45 31.56
C ARG A 45 2.66 -5.75 30.22
N LEU A 46 1.69 -6.22 29.44
CA LEU A 46 1.40 -5.60 28.15
C LEU A 46 0.88 -4.18 28.37
N LEU A 47 -0.01 -4.03 29.34
CA LEU A 47 -0.58 -2.74 29.69
C LEU A 47 0.54 -1.75 30.00
N ASN A 48 1.57 -2.21 30.71
CA ASN A 48 2.66 -1.32 31.04
C ASN A 48 3.33 -0.81 29.76
N HIS A 49 3.31 -1.63 28.72
CA HIS A 49 3.89 -1.25 27.43
C HIS A 49 2.95 -0.36 26.61
N TYR A 50 1.74 -0.86 26.36
CA TYR A 50 0.76 -0.15 25.54
C TYR A 50 0.30 1.23 26.05
N GLN A 51 0.32 1.43 27.35
CA GLN A 51 -0.12 2.71 27.92
C GLN A 51 0.76 3.85 27.44
N ALA A 52 2.00 3.52 27.08
CA ALA A 52 2.95 4.53 26.63
C ALA A 52 3.01 4.75 25.12
N VAL A 53 2.16 4.06 24.36
CA VAL A 53 2.19 4.23 22.91
C VAL A 53 1.56 5.56 22.49
N PRO A 54 2.16 6.25 21.49
CA PRO A 54 1.60 7.53 21.05
C PRO A 54 0.24 7.37 20.38
N SER A 55 -0.57 8.41 20.47
CA SER A 55 -1.91 8.44 19.89
C SER A 55 -2.90 7.51 20.58
N LEU A 56 -2.49 6.89 21.69
CA LEU A 56 -3.41 6.02 22.44
C LEU A 56 -4.31 6.96 23.24
N HIS A 57 -5.62 6.79 23.11
CA HIS A 57 -6.56 7.65 23.82
C HIS A 57 -7.08 7.02 25.10
N LYS A 58 -7.31 5.71 25.05
CA LYS A 58 -7.87 5.01 26.20
C LYS A 58 -7.71 3.51 26.02
N VAL A 59 -7.84 2.78 27.11
CA VAL A 59 -7.76 1.32 27.06
C VAL A 59 -9.01 0.72 27.66
N ILE A 60 -9.55 -0.31 27.01
CA ILE A 60 -10.72 -1.00 27.51
C ILE A 60 -10.33 -2.46 27.66
N VAL A 61 -10.33 -2.93 28.91
CA VAL A 61 -10.01 -4.31 29.19
C VAL A 61 -11.30 -5.11 29.30
N VAL A 62 -11.48 -6.07 28.39
CA VAL A 62 -12.67 -6.90 28.41
C VAL A 62 -12.31 -8.11 29.28
N TRP A 63 -12.63 -7.98 30.57
CA TRP A 63 -12.35 -8.99 31.58
C TRP A 63 -13.27 -10.20 31.46
N ASN A 64 -12.75 -11.27 30.84
CA ASN A 64 -13.54 -12.48 30.65
C ASN A 64 -13.41 -13.53 31.75
N ASN A 65 -12.73 -13.19 32.84
CA ASN A 65 -12.57 -14.13 33.96
C ASN A 65 -13.80 -13.96 34.85
N VAL A 66 -14.88 -14.66 34.49
CA VAL A 66 -16.13 -14.58 35.23
C VAL A 66 -15.93 -14.90 36.71
N GLY A 67 -16.41 -14.00 37.57
CA GLY A 67 -16.30 -14.20 39.00
C GLY A 67 -14.92 -14.06 39.59
N GLU A 68 -14.08 -13.20 39.00
CA GLU A 68 -12.73 -12.98 39.51
C GLU A 68 -12.49 -11.49 39.62
N LYS A 69 -11.94 -11.06 40.75
CA LYS A 69 -11.64 -9.66 40.99
C LYS A 69 -10.62 -9.16 39.98
N GLY A 70 -10.89 -7.96 39.44
CA GLY A 70 -10.01 -7.37 38.45
C GLY A 70 -8.81 -6.68 39.10
N PRO A 71 -7.69 -6.58 38.38
CA PRO A 71 -6.50 -5.94 38.92
C PRO A 71 -6.48 -4.40 38.89
N GLU A 72 -7.65 -3.78 38.85
CA GLU A 72 -7.70 -2.32 38.80
C GLU A 72 -7.13 -1.63 40.04
N GLU A 73 -7.33 -2.21 41.22
CA GLU A 73 -6.79 -1.61 42.42
C GLU A 73 -5.27 -1.55 42.31
N LEU A 74 -4.67 -2.70 42.00
CA LEU A 74 -3.23 -2.78 41.85
C LEU A 74 -2.76 -1.79 40.78
N TRP A 75 -3.51 -1.72 39.70
CA TRP A 75 -3.20 -0.83 38.59
C TRP A 75 -3.16 0.63 39.02
N ASN A 76 -4.18 1.07 39.74
CA ASN A 76 -4.24 2.45 40.20
C ASN A 76 -3.18 2.74 41.25
N SER A 77 -2.91 1.76 42.11
CA SER A 77 -1.91 1.95 43.15
C SER A 77 -0.55 2.23 42.51
N LEU A 78 -0.39 1.80 41.27
CA LEU A 78 0.86 2.01 40.55
C LEU A 78 0.75 3.17 39.57
N GLY A 79 -0.30 3.99 39.74
CA GLY A 79 -0.48 5.14 38.87
C GLY A 79 0.55 6.19 39.24
N PRO A 80 0.57 7.35 38.57
CA PRO A 80 -0.31 7.76 37.46
C PRO A 80 -0.02 7.04 36.15
N HIS A 81 -1.02 7.05 35.27
CA HIS A 81 -0.92 6.42 33.96
C HIS A 81 -1.27 7.46 32.90
N PRO A 82 -0.67 7.33 31.71
CA PRO A 82 -0.88 8.25 30.57
C PRO A 82 -2.33 8.35 30.06
N ILE A 83 -3.10 7.28 30.18
CA ILE A 83 -4.48 7.28 29.71
C ILE A 83 -5.39 6.47 30.62
N PRO A 84 -6.70 6.69 30.51
CA PRO A 84 -7.65 5.94 31.34
C PRO A 84 -7.71 4.49 30.89
N VAL A 85 -7.70 3.57 31.86
CA VAL A 85 -7.81 2.16 31.55
C VAL A 85 -9.11 1.72 32.21
N ILE A 86 -10.07 1.31 31.38
CA ILE A 86 -11.38 0.89 31.84
C ILE A 86 -11.59 -0.61 31.87
N PHE A 87 -11.71 -1.16 33.07
CA PHE A 87 -11.91 -2.59 33.21
C PHE A 87 -13.40 -2.89 33.19
N LYS A 88 -13.84 -3.68 32.22
CA LYS A 88 -15.24 -4.03 32.09
C LYS A 88 -15.48 -5.52 32.32
N PRO A 89 -15.96 -5.88 33.53
CA PRO A 89 -16.24 -7.28 33.90
C PRO A 89 -17.30 -7.86 32.98
N GLN A 90 -17.09 -9.08 32.52
CA GLN A 90 -18.05 -9.73 31.62
C GLN A 90 -18.84 -10.81 32.35
N THR A 91 -20.11 -10.95 31.98
CA THR A 91 -20.99 -11.94 32.60
C THR A 91 -20.66 -13.36 32.16
N ALA A 92 -20.04 -13.50 31.00
CA ALA A 92 -19.66 -14.81 30.49
C ALA A 92 -18.36 -14.74 29.72
N ASN A 93 -17.69 -15.89 29.58
CA ASN A 93 -16.42 -15.95 28.85
C ASN A 93 -16.68 -16.25 27.38
N LYS A 94 -17.00 -15.21 26.63
CA LYS A 94 -17.26 -15.37 25.20
C LYS A 94 -16.28 -14.57 24.34
N MET A 95 -15.79 -15.22 23.29
CA MET A 95 -14.85 -14.62 22.35
C MET A 95 -15.34 -13.31 21.77
N ARG A 96 -16.65 -13.21 21.59
CA ARG A 96 -17.26 -12.03 21.00
C ARG A 96 -17.39 -10.82 21.91
N ASN A 97 -17.14 -10.98 23.21
CA ASN A 97 -17.29 -9.85 24.13
C ASN A 97 -16.55 -8.59 23.72
N ARG A 98 -15.36 -8.76 23.14
CA ARG A 98 -14.56 -7.60 22.75
C ARG A 98 -15.13 -6.88 21.54
N LEU A 99 -16.13 -7.47 20.90
CA LEU A 99 -16.74 -6.86 19.73
C LEU A 99 -18.01 -6.07 20.03
N GLN A 100 -18.32 -5.89 21.32
CA GLN A 100 -19.51 -5.13 21.68
C GLN A 100 -19.23 -3.64 21.49
N VAL A 101 -20.30 -2.85 21.42
CA VAL A 101 -20.16 -1.41 21.26
C VAL A 101 -20.02 -0.77 22.63
N PHE A 102 -18.79 -0.66 23.13
CA PHE A 102 -18.58 -0.06 24.44
C PHE A 102 -18.78 1.45 24.34
N PRO A 103 -19.67 2.00 25.17
CA PRO A 103 -19.93 3.45 25.15
C PRO A 103 -18.68 4.29 25.41
N GLU A 104 -17.74 3.75 26.17
CA GLU A 104 -16.51 4.46 26.50
C GLU A 104 -15.59 4.72 25.30
N VAL A 105 -15.80 4.01 24.20
CA VAL A 105 -14.96 4.22 23.02
C VAL A 105 -15.35 5.53 22.34
N GLU A 106 -14.44 6.49 22.34
CA GLU A 106 -14.71 7.79 21.74
C GLU A 106 -14.00 8.01 20.42
N THR A 107 -13.11 7.09 20.05
CA THR A 107 -12.34 7.22 18.81
C THR A 107 -12.96 6.50 17.62
N ASN A 108 -12.56 6.91 16.42
CA ASN A 108 -13.06 6.32 15.19
C ASN A 108 -12.36 4.99 14.92
N ALA A 109 -11.16 4.85 15.45
CA ALA A 109 -10.39 3.63 15.25
C ALA A 109 -10.23 2.85 16.52
N VAL A 110 -10.22 1.54 16.36
CA VAL A 110 -10.03 0.65 17.49
C VAL A 110 -8.79 -0.18 17.17
N LEU A 111 -8.00 -0.43 18.20
CA LEU A 111 -6.81 -1.25 18.08
C LEU A 111 -7.16 -2.45 18.93
N MET A 112 -7.22 -3.61 18.28
CA MET A 112 -7.55 -4.83 18.99
C MET A 112 -6.35 -5.74 19.01
N VAL A 113 -5.92 -6.12 20.21
CA VAL A 113 -4.76 -6.97 20.38
C VAL A 113 -5.05 -8.07 21.40
N ASP A 114 -4.65 -9.30 21.09
CA ASP A 114 -4.85 -10.41 22.01
C ASP A 114 -3.95 -10.15 23.22
N ASP A 115 -4.36 -10.66 24.38
CA ASP A 115 -3.60 -10.44 25.61
C ASP A 115 -2.34 -11.28 25.76
N ASP A 116 -1.73 -11.66 24.64
CA ASP A 116 -0.49 -12.41 24.69
C ASP A 116 0.47 -11.89 23.62
N THR A 117 0.12 -10.74 23.03
CA THR A 117 0.91 -10.15 21.97
C THR A 117 1.46 -8.75 22.26
N LEU A 118 2.76 -8.61 22.13
CA LEU A 118 3.43 -7.32 22.35
C LEU A 118 3.87 -6.76 21.00
N ILE A 119 3.22 -5.68 20.56
CA ILE A 119 3.53 -5.04 19.28
C ILE A 119 4.28 -3.74 19.61
N SER A 120 5.44 -3.55 19.01
CA SER A 120 6.22 -2.34 19.28
C SER A 120 5.46 -1.06 18.94
N ALA A 121 5.79 0.02 19.65
CA ALA A 121 5.16 1.31 19.42
C ALA A 121 5.41 1.75 17.98
N GLN A 122 6.57 1.41 17.44
CA GLN A 122 6.89 1.79 16.07
C GLN A 122 5.93 1.13 15.08
N ASP A 123 5.60 -0.14 15.33
CA ASP A 123 4.67 -0.83 14.44
C ASP A 123 3.27 -0.21 14.56
N LEU A 124 2.88 0.12 15.78
CA LEU A 124 1.57 0.69 16.03
C LEU A 124 1.39 2.08 15.43
N VAL A 125 2.37 2.94 15.62
CA VAL A 125 2.28 4.29 15.08
C VAL A 125 2.20 4.24 13.56
N PHE A 126 3.01 3.37 12.97
CA PHE A 126 2.99 3.29 11.52
C PHE A 126 1.69 2.68 11.01
N ALA A 127 1.23 1.60 11.64
CA ALA A 127 0.00 0.94 11.21
C ALA A 127 -1.20 1.85 11.41
N PHE A 128 -1.20 2.62 12.48
CA PHE A 128 -2.30 3.55 12.72
C PHE A 128 -2.35 4.59 11.61
N SER A 129 -1.19 5.08 11.18
CA SER A 129 -1.13 6.07 10.12
C SER A 129 -1.62 5.46 8.81
N ILE A 130 -1.47 4.15 8.67
CA ILE A 130 -1.95 3.48 7.47
C ILE A 130 -3.47 3.37 7.57
N TRP A 131 -3.97 3.07 8.76
CA TRP A 131 -5.41 2.94 8.95
C TRP A 131 -6.11 4.26 8.59
N GLN A 132 -5.54 5.39 9.03
CA GLN A 132 -6.12 6.70 8.73
C GLN A 132 -6.28 6.94 7.24
N GLN A 133 -5.46 6.27 6.43
CA GLN A 133 -5.54 6.44 4.98
C GLN A 133 -6.49 5.42 4.35
N PHE A 134 -6.87 4.40 5.12
CA PHE A 134 -7.78 3.35 4.66
C PHE A 134 -8.63 2.98 5.87
N PRO A 135 -9.37 3.95 6.43
CA PRO A 135 -10.23 3.76 7.60
C PRO A 135 -11.35 2.74 7.52
N ASP A 136 -11.66 2.28 6.31
CA ASP A 136 -12.72 1.30 6.11
C ASP A 136 -12.20 -0.14 5.99
N GLN A 137 -10.89 -0.33 6.15
CA GLN A 137 -10.31 -1.66 6.05
C GLN A 137 -9.59 -2.06 7.35
N ILE A 138 -9.44 -3.36 7.56
CA ILE A 138 -8.75 -3.87 8.75
C ILE A 138 -7.25 -3.82 8.48
N ILE A 139 -6.54 -2.94 9.20
CA ILE A 139 -5.09 -2.80 9.03
C ILE A 139 -4.43 -3.65 10.11
N GLY A 140 -3.72 -4.70 9.71
CA GLY A 140 -3.10 -5.58 10.69
C GLY A 140 -1.81 -6.29 10.33
N PHE A 141 -1.26 -7.00 11.31
CA PHE A 141 0.01 -7.69 11.18
C PHE A 141 -0.03 -9.20 10.92
N VAL A 142 -1.23 -9.78 10.91
CA VAL A 142 -1.36 -11.23 10.72
C VAL A 142 -2.33 -11.53 9.58
N PRO A 143 -1.78 -11.89 8.41
CA PRO A 143 -2.56 -12.21 7.21
C PRO A 143 -2.81 -13.70 7.05
N ARG A 144 -4.02 -14.05 6.65
CA ARG A 144 -4.37 -15.45 6.44
C ARG A 144 -5.27 -15.55 5.21
N LYS A 145 -5.58 -16.77 4.79
CA LYS A 145 -6.43 -16.93 3.61
C LYS A 145 -7.31 -18.16 3.61
N HIS A 146 -8.12 -18.23 2.57
CA HIS A 146 -8.99 -19.36 2.35
C HIS A 146 -8.53 -19.88 0.99
N VAL A 147 -8.67 -21.18 0.77
CA VAL A 147 -8.30 -21.78 -0.51
C VAL A 147 -9.41 -22.75 -0.85
N SER A 148 -9.43 -23.21 -2.10
CA SER A 148 -10.46 -24.16 -2.53
C SER A 148 -9.89 -25.11 -3.56
N THR A 149 -10.13 -26.41 -3.36
CA THR A 149 -9.65 -27.43 -4.30
C THR A 149 -10.84 -28.24 -4.82
N SER A 150 -12.00 -28.01 -4.20
CA SER A 150 -13.23 -28.69 -4.57
C SER A 150 -14.32 -27.64 -4.63
N SER A 151 -14.94 -27.49 -5.81
CA SER A 151 -16.00 -26.51 -6.01
C SER A 151 -16.84 -26.27 -4.77
N GLY A 152 -16.93 -25.01 -4.37
CA GLY A 152 -17.72 -24.64 -3.21
C GLY A 152 -17.21 -25.06 -1.84
N ILE A 153 -16.11 -25.81 -1.76
CA ILE A 153 -15.58 -26.21 -0.45
C ILE A 153 -14.28 -25.47 -0.18
N TYR A 154 -14.23 -24.78 0.96
CA TYR A 154 -13.07 -23.98 1.32
C TYR A 154 -12.27 -24.50 2.49
N SER A 155 -11.04 -24.02 2.58
CA SER A 155 -10.15 -24.41 3.65
C SER A 155 -9.43 -23.15 4.17
N TYR A 156 -9.15 -23.13 5.47
CA TYR A 156 -8.47 -22.00 6.11
C TYR A 156 -6.99 -22.32 6.24
N GLY A 157 -6.14 -21.33 5.99
CA GLY A 157 -4.71 -21.55 6.11
C GLY A 157 -3.83 -20.31 5.93
N GLY A 158 -2.52 -20.55 5.85
CA GLY A 158 -1.55 -19.50 5.68
C GLY A 158 -0.61 -19.77 4.52
N PHE A 159 0.65 -19.35 4.66
CA PHE A 159 1.61 -19.54 3.58
C PHE A 159 2.04 -20.99 3.32
N GLU A 160 1.58 -21.92 4.16
CA GLU A 160 1.92 -23.32 3.96
C GLU A 160 1.02 -23.94 2.89
N LEU A 161 -0.01 -23.18 2.49
CA LEU A 161 -0.93 -23.62 1.44
C LEU A 161 -0.59 -22.89 0.15
N GLN A 162 -0.89 -23.55 -0.97
CA GLN A 162 -0.62 -23.01 -2.29
C GLN A 162 -1.33 -21.70 -2.54
N THR A 163 -0.71 -20.83 -3.34
CA THR A 163 -1.32 -19.55 -3.64
C THR A 163 -2.65 -19.77 -4.33
N PRO A 164 -3.67 -19.00 -3.93
CA PRO A 164 -4.99 -19.14 -4.53
C PRO A 164 -5.07 -18.36 -5.85
N GLY A 165 -5.15 -19.09 -6.95
CA GLY A 165 -5.27 -18.47 -8.26
C GLY A 165 -4.11 -17.65 -8.83
N PRO A 166 -4.32 -16.33 -9.03
CA PRO A 166 -3.37 -15.36 -9.58
C PRO A 166 -2.11 -15.90 -10.25
N GLY A 167 -1.03 -15.15 -10.14
CA GLY A 167 0.23 -15.58 -10.76
C GLY A 167 1.20 -16.09 -9.72
N ASN A 168 2.32 -15.38 -9.56
CA ASN A 168 3.33 -15.76 -8.59
C ASN A 168 3.00 -15.17 -7.22
N GLY A 169 3.91 -15.33 -6.29
CA GLY A 169 3.70 -14.81 -4.95
C GLY A 169 2.54 -15.54 -4.29
N ASP A 170 2.03 -14.95 -3.20
CA ASP A 170 0.94 -15.54 -2.45
C ASP A 170 -0.19 -14.51 -2.35
N GLN A 171 -1.22 -14.83 -1.58
CA GLN A 171 -2.35 -13.94 -1.41
C GLN A 171 -2.91 -14.15 -0.01
N TYR A 172 -3.59 -13.13 0.51
CA TYR A 172 -4.25 -13.26 1.79
C TYR A 172 -5.64 -12.69 1.53
N SER A 173 -6.64 -13.15 2.28
CA SER A 173 -7.99 -12.68 2.07
C SER A 173 -8.56 -12.25 3.40
N MET A 174 -7.75 -12.39 4.44
CA MET A 174 -8.15 -12.03 5.79
C MET A 174 -6.98 -11.48 6.58
N VAL A 175 -7.29 -10.57 7.49
CA VAL A 175 -6.31 -10.00 8.40
C VAL A 175 -6.98 -10.25 9.75
N LEU A 176 -6.33 -11.02 10.60
CA LEU A 176 -6.90 -11.36 11.89
C LEU A 176 -7.07 -10.12 12.77
N ILE A 177 -8.20 -10.02 13.46
CA ILE A 177 -8.47 -8.86 14.30
C ILE A 177 -7.66 -8.81 15.59
N GLY A 178 -7.09 -9.94 15.98
CA GLY A 178 -6.30 -10.02 17.21
C GLY A 178 -5.02 -9.18 17.24
N ALA A 179 -4.71 -8.48 16.15
CA ALA A 179 -3.52 -7.63 16.06
C ALA A 179 -3.80 -6.67 14.92
N SER A 180 -4.78 -5.80 15.11
CA SER A 180 -5.18 -4.88 14.06
C SER A 180 -5.86 -3.59 14.50
N PHE A 181 -6.02 -2.72 13.52
CA PHE A 181 -6.70 -1.43 13.67
C PHE A 181 -7.91 -1.52 12.74
N PHE A 182 -9.09 -1.19 13.24
CA PHE A 182 -10.27 -1.18 12.39
C PHE A 182 -11.27 -0.14 12.90
N ASN A 183 -12.16 0.30 12.02
CA ASN A 183 -13.14 1.32 12.37
C ASN A 183 -14.11 0.85 13.45
N SER A 184 -14.27 1.67 14.48
CA SER A 184 -15.16 1.32 15.58
C SER A 184 -16.58 1.07 15.09
N LYS A 185 -16.94 1.63 13.94
CA LYS A 185 -18.29 1.43 13.42
C LYS A 185 -18.57 0.00 13.00
N TYR A 186 -17.51 -0.81 12.89
CA TYR A 186 -17.68 -2.20 12.52
C TYR A 186 -18.14 -3.02 13.71
N LEU A 187 -18.01 -2.45 14.89
CA LEU A 187 -18.46 -3.16 16.10
C LEU A 187 -19.98 -3.14 16.07
N GLU A 188 -20.55 -1.99 15.72
CA GLU A 188 -21.99 -1.86 15.63
C GLU A 188 -22.49 -2.73 14.48
N LEU A 189 -21.87 -2.58 13.31
CA LEU A 189 -22.26 -3.36 12.15
C LEU A 189 -22.19 -4.85 12.45
N PHE A 190 -21.24 -5.24 13.30
CA PHE A 190 -21.10 -6.64 13.67
C PHE A 190 -22.33 -7.12 14.42
N GLN A 191 -22.78 -6.31 15.37
CA GLN A 191 -23.96 -6.64 16.17
C GLN A 191 -25.18 -6.80 15.25
N LYS A 192 -25.19 -6.09 14.14
CA LYS A 192 -26.30 -6.14 13.21
C LYS A 192 -26.27 -7.30 12.21
N GLN A 193 -25.34 -8.25 12.39
CA GLN A 193 -25.26 -9.37 11.46
C GLN A 193 -26.29 -10.44 11.82
N PRO A 194 -26.68 -11.28 10.84
CA PRO A 194 -27.67 -12.36 11.02
C PRO A 194 -27.43 -13.17 12.28
N ALA A 195 -28.51 -13.60 12.93
CA ALA A 195 -28.41 -14.38 14.16
C ALA A 195 -27.62 -15.66 13.95
N ALA A 196 -27.67 -16.18 12.74
CA ALA A 196 -26.95 -17.42 12.39
C ALA A 196 -25.44 -17.21 12.53
N VAL A 197 -25.00 -15.98 12.31
CA VAL A 197 -23.58 -15.66 12.43
C VAL A 197 -23.20 -15.65 13.91
N HIS A 198 -24.01 -14.98 14.72
CA HIS A 198 -23.76 -14.91 16.16
C HIS A 198 -23.85 -16.31 16.76
N ALA A 199 -24.84 -17.07 16.32
CA ALA A 199 -25.03 -18.43 16.79
C ALA A 199 -23.74 -19.22 16.52
N LEU A 200 -23.21 -19.09 15.32
CA LEU A 200 -21.99 -19.78 14.92
C LEU A 200 -20.79 -19.42 15.80
N ILE A 201 -20.64 -18.14 16.11
CA ILE A 201 -19.52 -17.70 16.94
C ILE A 201 -19.55 -18.35 18.33
N ASP A 202 -20.70 -18.27 18.99
CA ASP A 202 -20.85 -18.85 20.33
C ASP A 202 -20.67 -20.36 20.29
N GLU A 203 -21.14 -20.97 19.20
CA GLU A 203 -21.03 -22.41 19.01
C GLU A 203 -19.57 -22.87 19.06
N THR A 204 -18.70 -22.15 18.37
CA THR A 204 -17.29 -22.52 18.31
C THR A 204 -16.35 -21.71 19.21
N GLN A 205 -16.82 -20.58 19.73
CA GLN A 205 -15.97 -19.72 20.57
C GLN A 205 -14.69 -19.49 19.78
N ASN A 206 -14.88 -19.29 18.48
CA ASN A 206 -13.79 -19.10 17.55
C ASN A 206 -14.41 -18.42 16.35
N CYS A 207 -13.58 -18.14 15.34
CA CYS A 207 -14.10 -17.59 14.11
C CYS A 207 -14.69 -16.17 14.10
N ASP A 208 -14.57 -15.46 15.21
CA ASP A 208 -15.09 -14.10 15.27
C ASP A 208 -14.32 -13.23 14.27
N ASP A 209 -13.02 -13.45 14.13
CA ASP A 209 -12.24 -12.66 13.18
C ASP A 209 -12.62 -12.99 11.74
N ILE A 210 -12.95 -14.25 11.47
CA ILE A 210 -13.36 -14.64 10.12
C ILE A 210 -14.68 -13.90 9.82
N ALA A 211 -15.60 -13.92 10.78
CA ALA A 211 -16.88 -13.24 10.64
C ALA A 211 -16.64 -11.75 10.38
N MET A 212 -15.75 -11.14 11.17
CA MET A 212 -15.44 -9.72 10.98
C MET A 212 -14.96 -9.44 9.57
N ASN A 213 -14.06 -10.29 9.08
CA ASN A 213 -13.55 -10.11 7.73
C ASN A 213 -14.66 -10.26 6.68
N PHE A 214 -15.56 -11.22 6.89
CA PHE A 214 -16.66 -11.41 5.94
C PHE A 214 -17.46 -10.12 5.88
N LEU A 215 -17.83 -9.65 7.06
CA LEU A 215 -18.61 -8.43 7.25
C LEU A 215 -17.99 -7.18 6.64
N VAL A 216 -16.69 -6.99 6.83
CA VAL A 216 -16.03 -5.81 6.30
C VAL A 216 -15.98 -5.78 4.77
N THR A 217 -15.57 -6.89 4.16
CA THR A 217 -15.49 -6.92 2.71
C THR A 217 -16.88 -6.83 2.06
N ARG A 218 -17.90 -7.34 2.75
CA ARG A 218 -19.25 -7.25 2.22
C ARG A 218 -19.71 -5.78 2.24
N HIS A 219 -19.23 -5.03 3.23
CA HIS A 219 -19.59 -3.62 3.36
C HIS A 219 -18.85 -2.71 2.38
N THR A 220 -17.58 -3.02 2.14
CA THR A 220 -16.76 -2.20 1.26
C THR A 220 -16.61 -2.67 -0.18
N GLY A 221 -16.68 -3.98 -0.41
CA GLY A 221 -16.50 -4.48 -1.76
C GLY A 221 -15.01 -4.55 -2.08
N LYS A 222 -14.19 -4.30 -1.06
CA LYS A 222 -12.73 -4.33 -1.20
C LYS A 222 -12.17 -5.44 -0.32
N PRO A 223 -10.86 -5.73 -0.47
CA PRO A 223 -10.27 -6.78 0.38
C PRO A 223 -10.57 -6.31 1.81
N SER A 224 -10.97 -7.21 2.69
CA SER A 224 -11.30 -6.83 4.05
C SER A 224 -10.19 -6.11 4.79
N GLY A 225 -8.94 -6.44 4.45
CA GLY A 225 -7.85 -5.78 5.14
C GLY A 225 -6.59 -5.55 4.33
N ILE A 226 -5.62 -4.90 4.97
CA ILE A 226 -4.35 -4.65 4.34
C ILE A 226 -3.28 -5.12 5.31
N PHE A 227 -2.35 -5.92 4.81
CA PHE A 227 -1.27 -6.45 5.63
C PHE A 227 -0.09 -5.49 5.75
N VAL A 228 0.23 -5.13 6.98
CA VAL A 228 1.38 -4.28 7.26
C VAL A 228 2.37 -5.23 7.91
N LYS A 229 3.56 -5.37 7.34
CA LYS A 229 4.57 -6.28 7.91
C LYS A 229 5.14 -5.65 9.17
N PRO A 230 5.06 -6.37 10.30
CA PRO A 230 5.58 -5.87 11.57
C PRO A 230 7.10 -5.98 11.66
N ILE A 231 7.70 -5.01 12.33
CA ILE A 231 9.14 -5.01 12.50
C ILE A 231 9.47 -5.68 13.84
N ASN A 232 8.60 -5.48 14.82
CA ASN A 232 8.86 -6.04 16.15
C ASN A 232 7.57 -6.39 16.90
N MET A 233 7.05 -7.57 16.61
CA MET A 233 5.84 -8.06 17.25
C MET A 233 6.21 -9.42 17.83
N VAL A 234 5.96 -9.58 19.12
CA VAL A 234 6.30 -10.81 19.81
C VAL A 234 5.15 -11.41 20.60
N ASN A 235 5.09 -12.73 20.61
CA ASN A 235 4.07 -13.45 21.37
C ASN A 235 4.73 -13.86 22.69
N LEU A 236 4.08 -13.57 23.80
CA LEU A 236 4.62 -13.90 25.12
C LEU A 236 3.95 -15.12 25.74
N GLU A 237 4.66 -16.24 25.80
CA GLU A 237 4.11 -17.46 26.40
C GLU A 237 5.20 -18.35 26.98
N ALA A 250 -6.56 -29.07 19.05
CA ALA A 250 -6.20 -29.09 17.64
C ALA A 250 -7.41 -28.81 16.76
N GLU A 251 -8.60 -28.92 17.33
CA GLU A 251 -9.83 -28.65 16.60
C GLU A 251 -10.00 -27.16 16.40
N HIS A 252 -8.93 -26.41 16.62
CA HIS A 252 -8.97 -24.96 16.47
C HIS A 252 -8.93 -24.62 14.99
N PHE A 253 -7.91 -25.14 14.30
CA PHE A 253 -7.76 -24.89 12.87
C PHE A 253 -8.90 -25.58 12.13
N LEU A 254 -9.32 -26.74 12.63
CA LEU A 254 -10.40 -27.47 12.02
C LEU A 254 -11.69 -26.66 12.06
N GLN A 255 -11.92 -25.95 13.15
CA GLN A 255 -13.13 -25.14 13.27
C GLN A 255 -13.06 -23.97 12.30
N ARG A 256 -11.85 -23.50 12.06
CA ARG A 256 -11.61 -22.38 11.16
C ARG A 256 -12.13 -22.68 9.76
N SER A 257 -11.78 -23.82 9.21
CA SER A 257 -12.25 -24.17 7.87
C SER A 257 -13.77 -24.32 7.91
N TYR A 258 -14.24 -25.04 8.93
CA TYR A 258 -15.67 -25.27 9.15
C TYR A 258 -16.46 -23.96 9.10
N CYS A 259 -15.98 -22.96 9.84
CA CYS A 259 -16.63 -21.66 9.88
C CYS A 259 -16.73 -20.96 8.54
N ILE A 260 -15.66 -21.04 7.76
CA ILE A 260 -15.67 -20.39 6.46
C ILE A 260 -16.81 -20.99 5.63
N ASN A 261 -16.93 -22.32 5.64
CA ASN A 261 -17.97 -22.97 4.88
C ASN A 261 -19.37 -22.62 5.43
N LYS A 262 -19.52 -22.59 6.75
CA LYS A 262 -20.81 -22.23 7.33
C LYS A 262 -21.19 -20.80 6.94
N LEU A 263 -20.22 -19.89 7.01
CA LEU A 263 -20.48 -18.49 6.68
C LEU A 263 -20.85 -18.33 5.22
N VAL A 264 -20.22 -19.12 4.35
CA VAL A 264 -20.55 -19.05 2.94
C VAL A 264 -22.03 -19.44 2.75
N ASN A 265 -22.49 -20.44 3.51
CA ASN A 265 -23.89 -20.88 3.42
C ASN A 265 -24.87 -19.81 3.92
N ILE A 266 -24.57 -19.26 5.08
CA ILE A 266 -25.40 -18.25 5.71
C ILE A 266 -25.51 -16.98 4.85
N TYR A 267 -24.38 -16.55 4.29
CA TYR A 267 -24.38 -15.36 3.43
C TYR A 267 -24.70 -15.77 1.99
N ASP A 268 -24.76 -17.08 1.76
CA ASP A 268 -25.03 -17.61 0.43
C ASP A 268 -24.02 -17.05 -0.56
N GLY A 269 -22.74 -17.21 -0.25
CA GLY A 269 -21.69 -16.72 -1.13
C GLY A 269 -20.37 -16.46 -0.43
N MET A 270 -19.28 -16.56 -1.18
CA MET A 270 -17.94 -16.32 -0.65
C MET A 270 -17.55 -14.91 -1.09
N PRO A 271 -17.60 -13.95 -0.16
CA PRO A 271 -17.27 -12.56 -0.44
C PRO A 271 -15.80 -12.13 -0.28
N LEU A 272 -15.01 -12.91 0.46
CA LEU A 272 -13.61 -12.55 0.67
C LEU A 272 -12.87 -12.28 -0.62
N LYS A 273 -12.06 -11.23 -0.63
CA LYS A 273 -11.30 -10.89 -1.82
C LYS A 273 -9.81 -10.98 -1.52
N TYR A 274 -9.05 -11.55 -2.45
CA TYR A 274 -7.61 -11.70 -2.28
C TYR A 274 -6.82 -10.44 -2.54
N SER A 275 -5.67 -10.35 -1.89
CA SER A 275 -4.78 -9.22 -2.05
C SER A 275 -3.36 -9.70 -1.80
N ASN A 276 -2.40 -9.10 -2.47
CA ASN A 276 -1.00 -9.46 -2.23
C ASN A 276 -0.23 -8.19 -1.91
N ILE A 277 -0.94 -7.19 -1.38
CA ILE A 277 -0.33 -5.93 -0.99
C ILE A 277 0.32 -6.07 0.39
N MET A 278 1.62 -5.84 0.47
CA MET A 278 2.32 -5.91 1.75
C MET A 278 2.97 -4.55 1.99
N ILE A 279 2.52 -3.84 3.01
CA ILE A 279 3.06 -2.52 3.29
C ILE A 279 4.13 -2.50 4.36
N SER A 280 5.22 -1.80 4.06
CA SER A 280 6.32 -1.61 4.99
C SER A 280 6.54 -0.11 5.07
N GLN A 281 7.27 0.33 6.09
CA GLN A 281 7.53 1.74 6.24
C GLN A 281 8.79 2.14 5.48
N PHE A 282 8.65 3.10 4.58
CA PHE A 282 9.75 3.61 3.78
C PHE A 282 10.86 4.13 4.71
N GLY A 283 12.05 3.53 4.61
CA GLY A 283 13.15 3.99 5.42
C GLY A 283 13.21 3.49 6.86
N PHE A 284 12.34 2.53 7.21
CA PHE A 284 12.34 1.99 8.55
C PHE A 284 12.20 0.48 8.53
N PRO A 285 13.31 -0.25 8.74
CA PRO A 285 14.67 0.23 9.00
C PRO A 285 15.30 1.06 7.88
N TYR A 286 16.34 1.80 8.25
CA TYR A 286 17.07 2.64 7.34
C TYR A 286 17.52 1.94 6.05
N ALA A 287 17.26 2.60 4.92
CA ALA A 287 17.63 2.09 3.60
C ALA A 287 16.98 0.77 3.20
N ASN A 288 15.82 0.46 3.78
CA ASN A 288 15.13 -0.78 3.46
C ASN A 288 14.48 -0.72 2.08
N HIS A 289 14.60 0.43 1.41
CA HIS A 289 14.02 0.59 0.08
C HIS A 289 14.93 0.05 -1.02
N LYS A 290 16.20 -0.17 -0.70
CA LYS A 290 17.13 -0.67 -1.70
C LYS A 290 17.57 -2.12 -1.44
N SER B 25 -7.95 -7.29 -24.51
CA SER B 25 -8.59 -5.96 -24.71
C SER B 25 -7.57 -4.85 -24.50
N ALA B 26 -8.05 -3.67 -24.12
CA ALA B 26 -7.16 -2.53 -23.88
C ALA B 26 -7.35 -2.04 -22.46
N LEU B 27 -8.47 -2.42 -21.86
CA LEU B 27 -8.82 -2.04 -20.50
C LEU B 27 -7.88 -2.61 -19.45
N ASP B 28 -7.66 -3.91 -19.49
CA ASP B 28 -6.77 -4.56 -18.53
C ASP B 28 -5.35 -4.55 -19.05
N SER B 29 -5.02 -3.54 -19.84
CA SER B 29 -3.69 -3.44 -20.42
C SER B 29 -3.06 -2.06 -20.28
N PHE B 30 -1.78 -1.99 -20.61
CA PHE B 30 -1.04 -0.73 -20.54
C PHE B 30 -0.18 -0.54 -21.77
N THR B 31 0.17 0.72 -22.04
CA THR B 31 0.99 1.08 -23.18
C THR B 31 2.37 1.57 -22.72
N LEU B 32 3.43 1.02 -23.29
CA LEU B 32 4.77 1.46 -22.95
C LEU B 32 5.15 2.65 -23.80
N ILE B 33 5.64 3.70 -23.16
CA ILE B 33 6.10 4.88 -23.89
C ILE B 33 7.57 5.04 -23.56
N MET B 34 8.43 4.72 -24.51
CA MET B 34 9.87 4.83 -24.29
C MET B 34 10.52 5.85 -25.21
N GLN B 35 11.02 6.93 -24.62
CA GLN B 35 11.70 7.98 -25.36
C GLN B 35 13.17 7.57 -25.47
N THR B 36 13.73 7.68 -26.67
CA THR B 36 15.11 7.27 -26.88
C THR B 36 15.99 8.33 -27.53
N TYR B 37 17.28 8.27 -27.24
CA TYR B 37 18.25 9.22 -27.79
C TYR B 37 19.68 8.70 -27.67
N ASN B 38 20.31 8.48 -28.81
CA ASN B 38 21.69 7.98 -28.85
C ASN B 38 21.88 6.68 -28.08
N ARG B 39 20.84 5.86 -28.05
CA ARG B 39 20.89 4.57 -27.35
C ARG B 39 20.10 3.54 -28.15
N THR B 40 20.12 3.68 -29.47
CA THR B 40 19.37 2.78 -30.35
C THR B 40 19.62 1.30 -30.07
N ASP B 41 20.89 0.94 -29.87
CA ASP B 41 21.24 -0.45 -29.59
C ASP B 41 20.59 -0.87 -28.28
N LEU B 42 20.72 -0.02 -27.27
CA LEU B 42 20.15 -0.28 -25.96
C LEU B 42 18.63 -0.38 -26.09
N LEU B 43 18.05 0.56 -26.83
CA LEU B 43 16.62 0.58 -27.07
C LEU B 43 16.15 -0.77 -27.59
N LEU B 44 16.83 -1.25 -28.63
CA LEU B 44 16.49 -2.53 -29.26
C LEU B 44 16.53 -3.71 -28.29
N ARG B 45 17.57 -3.77 -27.46
CA ARG B 45 17.70 -4.85 -26.51
C ARG B 45 16.54 -4.78 -25.52
N LEU B 46 16.28 -3.58 -25.01
CA LEU B 46 15.20 -3.37 -24.05
C LEU B 46 13.86 -3.75 -24.67
N LEU B 47 13.70 -3.45 -25.95
CA LEU B 47 12.48 -3.76 -26.69
C LEU B 47 12.25 -5.26 -26.75
N ASN B 48 13.33 -6.01 -26.93
CA ASN B 48 13.18 -7.46 -26.98
C ASN B 48 12.57 -7.96 -25.67
N HIS B 49 12.91 -7.29 -24.58
CA HIS B 49 12.40 -7.66 -23.26
C HIS B 49 10.95 -7.21 -23.05
N TYR B 50 10.74 -5.90 -23.10
CA TYR B 50 9.41 -5.34 -22.86
C TYR B 50 8.29 -5.89 -23.74
N GLN B 51 8.59 -6.24 -24.98
CA GLN B 51 7.57 -6.76 -25.88
C GLN B 51 6.91 -8.04 -25.37
N ALA B 52 7.63 -8.78 -24.52
CA ALA B 52 7.12 -10.04 -24.01
C ALA B 52 6.43 -9.93 -22.65
N VAL B 53 6.37 -8.73 -22.08
CA VAL B 53 5.73 -8.56 -20.78
C VAL B 53 4.20 -8.72 -20.85
N PRO B 54 3.60 -9.46 -19.90
CA PRO B 54 2.15 -9.66 -19.89
C PRO B 54 1.39 -8.35 -19.72
N SER B 55 0.20 -8.29 -20.31
CA SER B 55 -0.68 -7.13 -20.25
C SER B 55 -0.21 -5.90 -21.02
N LEU B 56 0.86 -6.04 -21.80
CA LEU B 56 1.38 -4.94 -22.62
C LEU B 56 0.51 -4.88 -23.87
N HIS B 57 -0.13 -3.73 -24.10
CA HIS B 57 -1.00 -3.56 -25.25
C HIS B 57 -0.28 -3.01 -26.48
N LYS B 58 0.61 -2.05 -26.26
CA LYS B 58 1.33 -1.46 -27.38
C LYS B 58 2.55 -0.71 -26.87
N VAL B 59 3.46 -0.40 -27.79
CA VAL B 59 4.68 0.33 -27.46
C VAL B 59 4.83 1.56 -28.35
N ILE B 60 5.11 2.70 -27.75
CA ILE B 60 5.32 3.92 -28.50
C ILE B 60 6.74 4.40 -28.27
N VAL B 61 7.54 4.35 -29.31
CA VAL B 61 8.94 4.78 -29.24
C VAL B 61 9.04 6.25 -29.65
N VAL B 62 9.27 7.13 -28.68
CA VAL B 62 9.41 8.54 -28.99
C VAL B 62 10.85 8.73 -29.46
N TRP B 63 11.02 8.79 -30.78
CA TRP B 63 12.34 8.93 -31.40
C TRP B 63 12.84 10.37 -31.39
N ASN B 64 13.75 10.67 -30.46
CA ASN B 64 14.29 12.01 -30.32
C ASN B 64 15.60 12.25 -31.08
N ASN B 65 15.96 11.33 -31.97
CA ASN B 65 17.16 11.47 -32.76
C ASN B 65 16.81 12.22 -34.05
N VAL B 66 16.72 13.54 -33.95
CA VAL B 66 16.36 14.41 -35.06
C VAL B 66 17.30 14.27 -36.26
N GLY B 67 16.75 13.83 -37.39
CA GLY B 67 17.56 13.69 -38.60
C GLY B 67 18.07 12.29 -38.88
N GLU B 68 17.90 11.38 -37.92
CA GLU B 68 18.37 10.01 -38.11
C GLU B 68 17.18 9.10 -38.39
N LYS B 69 17.37 8.10 -39.26
CA LYS B 69 16.30 7.18 -39.61
C LYS B 69 16.05 6.14 -38.53
N GLY B 70 14.78 5.90 -38.22
CA GLY B 70 14.40 4.95 -37.20
C GLY B 70 14.72 3.51 -37.55
N PRO B 71 14.87 2.63 -36.54
CA PRO B 71 15.18 1.21 -36.74
C PRO B 71 13.94 0.38 -37.05
N GLU B 72 12.84 1.07 -37.33
CA GLU B 72 11.59 0.39 -37.65
C GLU B 72 11.70 -0.69 -38.71
N GLU B 73 12.57 -0.47 -39.70
CA GLU B 73 12.75 -1.45 -40.78
C GLU B 73 13.42 -2.70 -40.21
N LEU B 74 14.42 -2.47 -39.37
CA LEU B 74 15.15 -3.56 -38.74
C LEU B 74 14.22 -4.29 -37.79
N TRP B 75 13.38 -3.53 -37.09
CA TRP B 75 12.43 -4.10 -36.15
C TRP B 75 11.48 -5.06 -36.86
N ASN B 76 10.88 -4.60 -37.94
CA ASN B 76 9.94 -5.42 -38.70
C ASN B 76 10.61 -6.63 -39.36
N SER B 77 11.88 -6.49 -39.72
CA SER B 77 12.58 -7.61 -40.35
C SER B 77 12.75 -8.74 -39.36
N LEU B 78 12.79 -8.41 -38.07
CA LEU B 78 12.95 -9.40 -37.03
C LEU B 78 11.63 -9.85 -36.42
N GLY B 79 10.52 -9.43 -37.03
CA GLY B 79 9.22 -9.82 -36.52
C GLY B 79 9.03 -11.31 -36.71
N PRO B 80 7.87 -11.87 -36.32
CA PRO B 80 6.73 -11.17 -35.72
C PRO B 80 6.97 -10.83 -34.25
N HIS B 81 6.24 -9.81 -33.78
CA HIS B 81 6.33 -9.35 -32.40
C HIS B 81 4.95 -9.48 -31.77
N PRO B 82 4.89 -9.63 -30.43
CA PRO B 82 3.66 -9.77 -29.66
C PRO B 82 2.71 -8.58 -29.72
N ILE B 83 3.27 -7.38 -29.86
CA ILE B 83 2.45 -6.18 -29.92
C ILE B 83 2.93 -5.18 -30.96
N PRO B 84 2.07 -4.23 -31.33
CA PRO B 84 2.48 -3.24 -32.33
C PRO B 84 3.44 -2.26 -31.66
N VAL B 85 4.53 -1.94 -32.35
CA VAL B 85 5.49 -0.98 -31.83
C VAL B 85 5.42 0.22 -32.78
N ILE B 86 5.08 1.39 -32.24
CA ILE B 86 4.97 2.59 -33.05
C ILE B 86 6.14 3.54 -32.85
N PHE B 87 6.89 3.78 -33.91
CA PHE B 87 8.02 4.70 -33.83
C PHE B 87 7.53 6.07 -34.28
N LYS B 88 7.71 7.07 -33.41
CA LYS B 88 7.26 8.40 -33.73
C LYS B 88 8.39 9.42 -33.71
N PRO B 89 8.89 9.80 -34.90
CA PRO B 89 9.98 10.76 -35.03
C PRO B 89 9.54 12.12 -34.50
N GLN B 90 10.42 12.78 -33.75
CA GLN B 90 10.08 14.09 -33.19
C GLN B 90 10.83 15.18 -33.95
N THR B 91 10.18 16.34 -34.08
CA THR B 91 10.78 17.47 -34.79
C THR B 91 11.99 18.00 -34.03
N ALA B 92 11.97 17.89 -32.70
CA ALA B 92 13.08 18.36 -31.88
C ALA B 92 13.39 17.38 -30.77
N ASN B 93 14.59 17.44 -30.23
CA ASN B 93 15.00 16.56 -29.14
C ASN B 93 14.64 17.19 -27.80
N LYS B 94 13.37 17.11 -27.43
CA LYS B 94 12.89 17.68 -26.17
C LYS B 94 12.47 16.61 -25.17
N MET B 95 12.81 16.83 -23.90
CA MET B 95 12.47 15.90 -22.84
C MET B 95 10.97 15.64 -22.72
N ARG B 96 10.17 16.68 -22.94
CA ARG B 96 8.72 16.58 -22.83
C ARG B 96 7.99 15.93 -24.02
N ASN B 97 8.73 15.48 -25.03
CA ASN B 97 8.08 14.86 -26.18
C ASN B 97 7.29 13.62 -25.78
N ARG B 98 7.81 12.87 -24.81
CA ARG B 98 7.14 11.65 -24.37
C ARG B 98 5.87 11.93 -23.58
N LEU B 99 5.65 13.20 -23.23
CA LEU B 99 4.46 13.57 -22.48
C LEU B 99 3.32 14.08 -23.35
N GLN B 100 3.46 13.93 -24.66
CA GLN B 100 2.40 14.38 -25.57
C GLN B 100 1.27 13.37 -25.55
N VAL B 101 0.13 13.76 -26.12
CA VAL B 101 -1.02 12.87 -26.17
C VAL B 101 -1.00 12.14 -27.50
N PHE B 102 -0.34 10.99 -27.54
CA PHE B 102 -0.27 10.20 -28.76
C PHE B 102 -1.61 9.55 -29.03
N PRO B 103 -2.18 9.78 -30.22
CA PRO B 103 -3.47 9.20 -30.57
C PRO B 103 -3.46 7.67 -30.54
N GLU B 104 -2.27 7.09 -30.70
CA GLU B 104 -2.14 5.65 -30.70
C GLU B 104 -2.31 4.99 -29.33
N VAL B 105 -2.27 5.79 -28.26
CA VAL B 105 -2.42 5.24 -26.91
C VAL B 105 -3.89 4.93 -26.66
N GLU B 106 -4.21 3.64 -26.56
CA GLU B 106 -5.59 3.22 -26.36
C GLU B 106 -5.90 2.73 -24.94
N THR B 107 -4.90 2.75 -24.07
CA THR B 107 -5.09 2.28 -22.69
C THR B 107 -5.22 3.39 -21.67
N ASN B 108 -5.83 3.08 -20.53
CA ASN B 108 -5.97 4.08 -19.47
C ASN B 108 -4.65 4.22 -18.73
N ALA B 109 -3.81 3.18 -18.81
CA ALA B 109 -2.53 3.19 -18.12
C ALA B 109 -1.35 3.31 -19.06
N VAL B 110 -0.40 4.16 -18.69
CA VAL B 110 0.81 4.35 -19.46
C VAL B 110 1.96 3.81 -18.60
N LEU B 111 2.89 3.10 -19.23
CA LEU B 111 4.08 2.60 -18.55
C LEU B 111 5.20 3.41 -19.19
N MET B 112 5.84 4.28 -18.41
CA MET B 112 6.92 5.11 -18.94
C MET B 112 8.27 4.67 -18.39
N VAL B 113 9.19 4.38 -19.30
CA VAL B 113 10.52 3.90 -18.91
C VAL B 113 11.63 4.53 -19.73
N ASP B 114 12.70 4.99 -19.05
CA ASP B 114 13.84 5.56 -19.75
C ASP B 114 14.46 4.45 -20.57
N ASP B 115 15.13 4.81 -21.65
CA ASP B 115 15.74 3.82 -22.53
C ASP B 115 17.08 3.25 -22.04
N ASP B 116 17.25 3.19 -20.73
CA ASP B 116 18.47 2.59 -20.16
C ASP B 116 18.10 1.71 -18.98
N THR B 117 16.81 1.51 -18.77
CA THR B 117 16.34 0.72 -17.64
C THR B 117 15.56 -0.53 -18.00
N LEU B 118 15.98 -1.65 -17.39
CA LEU B 118 15.34 -2.93 -17.63
C LEU B 118 14.60 -3.38 -16.37
N ILE B 119 13.27 -3.25 -16.39
CA ILE B 119 12.44 -3.65 -15.27
C ILE B 119 11.88 -5.04 -15.55
N SER B 120 12.09 -5.97 -14.63
CA SER B 120 11.61 -7.34 -14.81
C SER B 120 10.09 -7.40 -14.99
N ALA B 121 9.64 -8.42 -15.72
CA ALA B 121 8.21 -8.62 -15.97
C ALA B 121 7.45 -8.78 -14.66
N GLN B 122 8.06 -9.47 -13.69
CA GLN B 122 7.44 -9.69 -12.39
C GLN B 122 7.11 -8.36 -11.71
N ASP B 123 8.08 -7.43 -11.72
CA ASP B 123 7.90 -6.11 -11.13
C ASP B 123 6.77 -5.36 -11.86
N LEU B 124 6.82 -5.40 -13.18
CA LEU B 124 5.82 -4.73 -13.99
C LEU B 124 4.41 -5.31 -13.80
N VAL B 125 4.29 -6.62 -13.79
CA VAL B 125 2.97 -7.21 -13.60
C VAL B 125 2.42 -6.83 -12.22
N PHE B 126 3.28 -6.85 -11.21
CA PHE B 126 2.83 -6.49 -9.89
C PHE B 126 2.49 -5.00 -9.79
N ALA B 127 3.42 -4.15 -10.23
CA ALA B 127 3.18 -2.70 -10.17
C ALA B 127 1.90 -2.32 -10.93
N PHE B 128 1.65 -2.96 -12.07
CA PHE B 128 0.44 -2.66 -12.84
C PHE B 128 -0.80 -3.01 -12.02
N SER B 129 -0.75 -4.12 -11.28
CA SER B 129 -1.89 -4.50 -10.47
C SER B 129 -2.10 -3.46 -9.38
N ILE B 130 -1.03 -2.85 -8.90
CA ILE B 130 -1.17 -1.83 -7.86
C ILE B 130 -1.79 -0.58 -8.49
N TRP B 131 -1.32 -0.22 -9.68
CA TRP B 131 -1.86 0.96 -10.37
C TRP B 131 -3.37 0.82 -10.58
N GLN B 132 -3.82 -0.36 -11.00
CA GLN B 132 -5.24 -0.58 -11.23
C GLN B 132 -6.07 -0.25 -9.99
N GLN B 133 -5.46 -0.37 -8.81
CA GLN B 133 -6.16 -0.08 -7.56
C GLN B 133 -6.02 1.38 -7.12
N PHE B 134 -5.07 2.10 -7.71
CA PHE B 134 -4.83 3.51 -7.38
C PHE B 134 -4.54 4.19 -8.73
N PRO B 135 -5.51 4.13 -9.66
CA PRO B 135 -5.47 4.67 -11.01
C PRO B 135 -5.11 6.15 -11.16
N ASP B 136 -5.32 6.92 -10.09
CA ASP B 136 -5.04 8.34 -10.13
C ASP B 136 -3.65 8.69 -9.59
N GLN B 137 -2.88 7.68 -9.20
CA GLN B 137 -1.55 7.93 -8.66
C GLN B 137 -0.43 7.36 -9.51
N ILE B 138 0.77 7.90 -9.33
CA ILE B 138 1.93 7.44 -10.07
C ILE B 138 2.53 6.26 -9.28
N ILE B 139 2.43 5.07 -9.85
CA ILE B 139 2.97 3.86 -9.22
C ILE B 139 4.36 3.65 -9.81
N GLY B 140 5.40 3.77 -8.99
CA GLY B 140 6.74 3.62 -9.53
C GLY B 140 7.78 3.01 -8.63
N PHE B 141 8.95 2.78 -9.22
CA PHE B 141 10.06 2.14 -8.52
C PHE B 141 11.15 3.09 -8.02
N VAL B 142 11.09 4.36 -8.39
CA VAL B 142 12.11 5.32 -7.96
C VAL B 142 11.49 6.47 -7.17
N PRO B 143 11.59 6.42 -5.84
CA PRO B 143 11.04 7.46 -4.97
C PRO B 143 12.07 8.52 -4.60
N ARG B 144 11.65 9.77 -4.62
CA ARG B 144 12.53 10.89 -4.28
C ARG B 144 11.76 11.89 -3.45
N LYS B 145 12.44 12.94 -2.99
CA LYS B 145 11.74 13.92 -2.17
C LYS B 145 12.25 15.34 -2.26
N HIS B 146 11.50 16.26 -1.66
CA HIS B 146 11.90 17.64 -1.58
C HIS B 146 12.09 17.84 -0.09
N VAL B 147 12.97 18.77 0.28
CA VAL B 147 13.22 19.07 1.70
C VAL B 147 13.38 20.58 1.81
N SER B 148 13.21 21.10 3.02
CA SER B 148 13.35 22.53 3.23
C SER B 148 14.01 22.81 4.58
N THR B 149 15.16 23.48 4.55
CA THR B 149 15.86 23.80 5.79
C THR B 149 15.71 25.29 6.07
N SER B 150 15.23 26.01 5.07
CA SER B 150 15.02 27.44 5.19
C SER B 150 13.60 27.77 4.71
N SER B 151 12.81 28.37 5.59
CA SER B 151 11.43 28.72 5.27
C SER B 151 11.20 29.13 3.82
N GLY B 152 10.44 28.32 3.10
CA GLY B 152 10.13 28.64 1.71
C GLY B 152 11.09 28.18 0.64
N ILE B 153 12.32 27.80 1.00
CA ILE B 153 13.28 27.35 0.01
C ILE B 153 13.38 25.83 0.03
N TYR B 154 13.16 25.20 -1.12
CA TYR B 154 13.21 23.75 -1.21
C TYR B 154 14.43 23.20 -1.93
N SER B 155 14.69 21.93 -1.68
CA SER B 155 15.82 21.24 -2.30
C SER B 155 15.40 19.82 -2.71
N TYR B 156 16.04 19.31 -3.76
CA TYR B 156 15.74 17.97 -4.29
C TYR B 156 16.76 16.95 -3.78
N GLY B 157 16.28 15.74 -3.47
CA GLY B 157 17.21 14.72 -2.99
C GLY B 157 16.59 13.35 -2.76
N GLY B 158 17.40 12.46 -2.16
CA GLY B 158 16.97 11.10 -1.87
C GLY B 158 17.18 10.70 -0.41
N PHE B 159 17.41 9.41 -0.18
CA PHE B 159 17.59 8.93 1.18
C PHE B 159 18.87 9.45 1.87
N GLU B 160 19.75 10.11 1.11
CA GLU B 160 20.97 10.65 1.68
C GLU B 160 20.67 11.97 2.39
N LEU B 161 19.44 12.47 2.22
CA LEU B 161 18.99 13.69 2.87
C LEU B 161 18.08 13.33 4.05
N GLN B 162 18.14 14.14 5.11
CA GLN B 162 17.36 13.92 6.32
C GLN B 162 15.88 13.78 6.07
N THR B 163 15.22 13.00 6.91
CA THR B 163 13.78 12.82 6.78
C THR B 163 13.13 14.17 7.09
N PRO B 164 12.20 14.61 6.23
CA PRO B 164 11.53 15.88 6.48
C PRO B 164 10.30 15.54 7.31
N GLY B 165 9.99 14.26 7.34
CA GLY B 165 8.84 13.75 8.07
C GLY B 165 8.89 13.90 9.57
N PRO B 166 7.76 13.66 10.25
CA PRO B 166 7.58 13.75 11.70
C PRO B 166 8.59 12.96 12.53
N GLY B 167 8.41 11.65 12.56
CA GLY B 167 9.29 10.80 13.35
C GLY B 167 10.32 10.01 12.59
N ASN B 168 10.35 8.70 12.86
CA ASN B 168 11.29 7.79 12.25
C ASN B 168 11.06 7.52 10.77
N GLY B 169 11.89 6.63 10.22
CA GLY B 169 11.78 6.30 8.81
C GLY B 169 12.06 7.52 7.95
N ASP B 170 11.81 7.37 6.66
CA ASP B 170 12.03 8.46 5.72
C ASP B 170 10.71 8.80 5.04
N GLN B 171 10.75 9.72 4.08
CA GLN B 171 9.54 10.11 3.36
C GLN B 171 9.90 10.39 1.92
N TYR B 172 8.95 10.22 1.02
CA TYR B 172 9.16 10.52 -0.39
C TYR B 172 7.95 11.35 -0.80
N SER B 173 8.14 12.29 -1.72
CA SER B 173 7.04 13.12 -2.14
C SER B 173 6.88 13.04 -3.65
N MET B 174 7.75 12.26 -4.28
CA MET B 174 7.72 12.07 -5.72
C MET B 174 8.13 10.66 -6.14
N VAL B 175 7.55 10.21 -7.25
CA VAL B 175 7.88 8.93 -7.84
C VAL B 175 8.21 9.35 -9.27
N LEU B 176 9.47 9.15 -9.67
CA LEU B 176 9.92 9.54 -11.00
C LEU B 176 9.16 8.80 -12.10
N ILE B 177 8.75 9.53 -13.14
CA ILE B 177 7.98 8.94 -14.21
C ILE B 177 8.81 8.02 -15.12
N GLY B 178 10.13 8.15 -15.02
CA GLY B 178 11.03 7.35 -15.82
C GLY B 178 11.00 5.84 -15.57
N ALA B 179 10.19 5.39 -14.63
CA ALA B 179 10.04 3.96 -14.35
C ALA B 179 8.78 3.87 -13.51
N SER B 180 7.65 4.13 -14.15
CA SER B 180 6.37 4.13 -13.45
C SER B 180 5.17 3.88 -14.32
N PHE B 181 4.04 3.74 -13.65
CA PHE B 181 2.74 3.55 -14.26
C PHE B 181 1.92 4.78 -13.86
N PHE B 182 1.21 5.38 -14.79
CA PHE B 182 0.35 6.50 -14.47
C PHE B 182 -0.75 6.67 -15.52
N ASN B 183 -1.82 7.33 -15.12
CA ASN B 183 -2.97 7.53 -15.99
C ASN B 183 -2.67 8.34 -17.24
N SER B 184 -3.07 7.81 -18.40
CA SER B 184 -2.85 8.50 -19.66
C SER B 184 -3.55 9.85 -19.67
N LYS B 185 -4.60 10.00 -18.87
CA LYS B 185 -5.32 11.26 -18.82
C LYS B 185 -4.36 12.35 -18.36
N TYR B 186 -3.32 11.97 -17.62
CA TYR B 186 -2.35 12.95 -17.14
C TYR B 186 -1.48 13.55 -18.23
N LEU B 187 -1.40 12.89 -19.38
CA LEU B 187 -0.62 13.42 -20.49
C LEU B 187 -1.38 14.62 -21.08
N GLU B 188 -2.71 14.49 -21.13
CA GLU B 188 -3.55 15.55 -21.66
C GLU B 188 -3.55 16.71 -20.68
N LEU B 189 -3.67 16.37 -19.39
CA LEU B 189 -3.68 17.40 -18.35
C LEU B 189 -2.36 18.17 -18.36
N PHE B 190 -1.27 17.49 -18.70
CA PHE B 190 0.04 18.12 -18.73
C PHE B 190 0.14 19.15 -19.87
N GLN B 191 -0.52 18.86 -20.98
CA GLN B 191 -0.49 19.77 -22.12
C GLN B 191 -1.22 21.05 -21.74
N LYS B 192 -2.15 20.95 -20.81
CA LYS B 192 -2.94 22.10 -20.36
C LYS B 192 -2.27 22.90 -19.25
N GLN B 193 -1.06 22.54 -18.86
CA GLN B 193 -0.37 23.26 -17.79
C GLN B 193 0.11 24.63 -18.26
N PRO B 194 0.33 25.56 -17.31
CA PRO B 194 0.80 26.92 -17.63
C PRO B 194 2.04 26.85 -18.52
N ALA B 195 2.11 27.74 -19.50
CA ALA B 195 3.24 27.76 -20.42
C ALA B 195 4.57 27.82 -19.68
N ALA B 196 4.57 28.48 -18.52
CA ALA B 196 5.80 28.60 -17.73
C ALA B 196 6.37 27.22 -17.40
N VAL B 197 5.48 26.26 -17.20
CA VAL B 197 5.89 24.89 -16.88
C VAL B 197 6.61 24.27 -18.07
N HIS B 198 5.98 24.35 -19.25
CA HIS B 198 6.59 23.80 -20.45
C HIS B 198 7.90 24.51 -20.73
N ALA B 199 7.92 25.82 -20.49
CA ALA B 199 9.11 26.63 -20.71
C ALA B 199 10.26 26.12 -19.83
N LEU B 200 9.98 25.97 -18.53
CA LEU B 200 10.97 25.50 -17.57
C LEU B 200 11.59 24.16 -17.97
N ILE B 201 10.74 23.23 -18.43
CA ILE B 201 11.22 21.92 -18.84
C ILE B 201 12.11 22.05 -20.08
N ASP B 202 11.72 22.91 -21.00
CA ASP B 202 12.51 23.11 -22.22
C ASP B 202 13.82 23.81 -21.86
N GLU B 203 13.76 24.73 -20.89
CA GLU B 203 14.94 25.48 -20.46
C GLU B 203 16.02 24.55 -19.92
N THR B 204 15.66 23.73 -18.94
CA THR B 204 16.60 22.81 -18.31
C THR B 204 16.68 21.46 -19.01
N GLN B 205 15.65 21.14 -19.78
CA GLN B 205 15.60 19.85 -20.47
C GLN B 205 15.71 18.81 -19.35
N ASN B 206 15.01 19.11 -18.27
CA ASN B 206 15.02 18.28 -17.08
C ASN B 206 13.71 18.59 -16.37
N CYS B 207 13.49 17.96 -15.22
CA CYS B 207 12.31 18.26 -14.42
C CYS B 207 10.92 17.92 -14.94
N ASP B 208 10.82 17.18 -16.03
CA ASP B 208 9.50 16.81 -16.55
C ASP B 208 8.82 15.94 -15.49
N ASP B 209 9.59 15.05 -14.87
CA ASP B 209 9.04 14.18 -13.84
C ASP B 209 8.55 14.97 -12.64
N ILE B 210 9.29 16.01 -12.25
CA ILE B 210 8.89 16.83 -11.12
C ILE B 210 7.61 17.60 -11.46
N ALA B 211 7.52 18.05 -12.70
CA ALA B 211 6.34 18.78 -13.16
C ALA B 211 5.14 17.83 -13.12
N MET B 212 5.34 16.59 -13.56
CA MET B 212 4.26 15.62 -13.55
C MET B 212 3.76 15.36 -12.13
N ASN B 213 4.68 15.21 -11.18
CA ASN B 213 4.29 14.98 -9.79
C ASN B 213 3.51 16.16 -9.20
N PHE B 214 3.90 17.39 -9.58
CA PHE B 214 3.19 18.57 -9.10
C PHE B 214 1.76 18.51 -9.62
N LEU B 215 1.65 18.25 -10.92
CA LEU B 215 0.37 18.14 -11.61
C LEU B 215 -0.57 17.13 -10.95
N VAL B 216 -0.10 15.90 -10.77
CA VAL B 216 -0.91 14.85 -10.19
C VAL B 216 -1.40 15.14 -8.77
N THR B 217 -0.51 15.57 -7.89
CA THR B 217 -0.91 15.84 -6.51
C THR B 217 -1.85 17.05 -6.41
N ARG B 218 -1.69 18.02 -7.31
CA ARG B 218 -2.57 19.19 -7.28
C ARG B 218 -3.95 18.74 -7.74
N HIS B 219 -3.98 17.76 -8.64
CA HIS B 219 -5.23 17.24 -9.16
C HIS B 219 -5.99 16.31 -8.22
N THR B 220 -5.27 15.44 -7.52
CA THR B 220 -5.89 14.46 -6.62
C THR B 220 -5.98 14.85 -5.15
N GLY B 221 -5.11 15.74 -4.70
CA GLY B 221 -5.13 16.12 -3.30
C GLY B 221 -4.44 15.06 -2.45
N LYS B 222 -3.89 14.04 -3.11
CA LYS B 222 -3.20 12.94 -2.43
C LYS B 222 -1.72 12.94 -2.84
N PRO B 223 -0.91 12.08 -2.20
CA PRO B 223 0.51 12.03 -2.58
C PRO B 223 0.51 11.70 -4.07
N SER B 224 1.40 12.31 -4.84
CA SER B 224 1.43 12.05 -6.27
C SER B 224 1.68 10.59 -6.60
N GLY B 225 2.54 9.94 -5.82
CA GLY B 225 2.81 8.55 -6.12
C GLY B 225 2.82 7.57 -4.97
N ILE B 226 2.95 6.29 -5.34
CA ILE B 226 3.04 5.20 -4.40
C ILE B 226 4.28 4.42 -4.81
N PHE B 227 5.19 4.26 -3.87
CA PHE B 227 6.43 3.54 -4.12
C PHE B 227 6.25 2.02 -4.05
N VAL B 228 6.64 1.35 -5.13
CA VAL B 228 6.60 -0.10 -5.16
C VAL B 228 8.07 -0.50 -5.24
N LYS B 229 8.54 -1.23 -4.24
CA LYS B 229 9.93 -1.64 -4.23
C LYS B 229 10.19 -2.68 -5.31
N PRO B 230 11.15 -2.40 -6.21
CA PRO B 230 11.45 -3.36 -7.29
C PRO B 230 12.26 -4.56 -6.81
N ILE B 231 11.98 -5.72 -7.40
CA ILE B 231 12.70 -6.94 -7.06
C ILE B 231 13.85 -7.12 -8.06
N ASN B 232 13.63 -6.67 -9.30
CA ASN B 232 14.66 -6.82 -10.32
C ASN B 232 14.59 -5.74 -11.40
N MET B 233 15.25 -4.63 -11.12
CA MET B 233 15.31 -3.49 -12.04
C MET B 233 16.80 -3.17 -12.15
N VAL B 234 17.28 -3.09 -13.38
CA VAL B 234 18.68 -2.82 -13.62
C VAL B 234 18.88 -1.71 -14.64
N ASN B 235 19.92 -0.90 -14.41
CA ASN B 235 20.24 0.18 -15.33
C ASN B 235 21.35 -0.32 -16.24
N LEU B 236 21.16 -0.16 -17.54
CA LEU B 236 22.17 -0.62 -18.49
C LEU B 236 22.92 0.55 -19.14
N GLU B 237 22.86 1.72 -18.51
CA GLU B 237 23.54 2.91 -19.03
C GLU B 237 25.02 2.65 -19.26
N ARG B 249 26.51 16.18 -16.77
CA ARG B 249 26.23 17.50 -16.23
C ARG B 249 25.88 17.39 -14.74
N ALA B 250 26.62 18.14 -13.92
CA ALA B 250 26.38 18.15 -12.48
C ALA B 250 25.20 19.05 -12.18
N GLU B 251 24.85 19.87 -13.16
CA GLU B 251 23.73 20.79 -13.05
C GLU B 251 22.42 20.02 -12.96
N HIS B 252 22.46 18.74 -13.35
CA HIS B 252 21.26 17.90 -13.30
C HIS B 252 20.57 17.98 -11.95
N PHE B 253 21.31 17.64 -10.89
CA PHE B 253 20.77 17.68 -9.54
C PHE B 253 20.44 19.11 -9.12
N LEU B 254 21.36 20.01 -9.41
CA LEU B 254 21.19 21.41 -9.06
C LEU B 254 19.95 21.99 -9.76
N GLN B 255 19.71 21.55 -10.99
CA GLN B 255 18.54 22.02 -11.75
C GLN B 255 17.26 21.58 -11.07
N ARG B 256 17.22 20.30 -10.66
CA ARG B 256 16.04 19.78 -10.00
C ARG B 256 15.60 20.59 -8.78
N SER B 257 16.55 21.03 -7.97
CA SER B 257 16.19 21.84 -6.80
C SER B 257 15.62 23.17 -7.32
N TYR B 258 16.28 23.71 -8.35
CA TYR B 258 15.88 24.95 -8.98
C TYR B 258 14.42 24.81 -9.47
N CYS B 259 14.13 23.70 -10.14
CA CYS B 259 12.79 23.46 -10.65
C CYS B 259 11.72 23.37 -9.59
N ILE B 260 12.05 22.80 -8.44
CA ILE B 260 11.05 22.70 -7.39
C ILE B 260 10.64 24.10 -6.95
N ASN B 261 11.61 25.00 -6.83
CA ASN B 261 11.31 26.37 -6.43
C ASN B 261 10.60 27.13 -7.55
N LYS B 262 11.09 26.97 -8.78
CA LYS B 262 10.46 27.63 -9.91
C LYS B 262 9.00 27.17 -10.06
N LEU B 263 8.78 25.88 -9.86
CA LEU B 263 7.42 25.32 -9.96
C LEU B 263 6.56 25.83 -8.83
N VAL B 264 7.15 25.98 -7.64
CA VAL B 264 6.42 26.48 -6.50
C VAL B 264 5.91 27.89 -6.78
N ASN B 265 6.70 28.67 -7.52
CA ASN B 265 6.29 30.03 -7.86
C ASN B 265 5.17 30.00 -8.89
N ILE B 266 5.35 29.19 -9.93
CA ILE B 266 4.36 29.06 -10.99
C ILE B 266 3.01 28.67 -10.41
N TYR B 267 3.01 27.72 -9.49
CA TYR B 267 1.78 27.25 -8.86
C TYR B 267 1.44 27.98 -7.56
N ASP B 268 2.27 28.95 -7.19
CA ASP B 268 2.08 29.72 -5.98
C ASP B 268 1.94 28.84 -4.74
N GLY B 269 2.83 27.86 -4.61
CA GLY B 269 2.78 26.97 -3.47
C GLY B 269 3.42 25.61 -3.67
N MET B 270 3.70 24.93 -2.56
CA MET B 270 4.30 23.59 -2.55
C MET B 270 3.19 22.58 -2.30
N PRO B 271 2.67 21.96 -3.37
CA PRO B 271 1.60 20.98 -3.23
C PRO B 271 2.03 19.55 -2.92
N LEU B 272 3.30 19.24 -3.18
CA LEU B 272 3.82 17.89 -2.93
C LEU B 272 3.53 17.38 -1.52
N LYS B 273 2.97 16.17 -1.44
CA LYS B 273 2.64 15.57 -0.15
C LYS B 273 3.53 14.37 0.12
N TYR B 274 4.00 14.25 1.35
CA TYR B 274 4.88 13.16 1.74
C TYR B 274 4.13 11.86 2.00
N SER B 275 4.85 10.75 1.94
CA SER B 275 4.30 9.43 2.17
C SER B 275 5.44 8.50 2.52
N ASN B 276 5.18 7.52 3.39
CA ASN B 276 6.19 6.55 3.76
C ASN B 276 5.69 5.13 3.44
N ILE B 277 4.73 5.04 2.53
CA ILE B 277 4.20 3.73 2.14
C ILE B 277 5.11 3.04 1.14
N MET B 278 5.63 1.89 1.52
CA MET B 278 6.47 1.12 0.60
C MET B 278 5.73 -0.19 0.36
N ILE B 279 5.36 -0.44 -0.89
CA ILE B 279 4.62 -1.65 -1.20
C ILE B 279 5.49 -2.76 -1.79
N SER B 280 5.32 -3.97 -1.27
CA SER B 280 6.02 -5.13 -1.76
C SER B 280 4.97 -6.17 -2.04
N GLN B 281 5.32 -7.21 -2.77
CA GLN B 281 4.38 -8.26 -3.11
C GLN B 281 4.40 -9.36 -2.06
N PHE B 282 3.24 -9.59 -1.45
CA PHE B 282 3.08 -10.62 -0.43
C PHE B 282 3.48 -11.99 -0.98
N GLY B 283 4.47 -12.61 -0.37
CA GLY B 283 4.89 -13.94 -0.82
C GLY B 283 5.82 -13.96 -2.02
N PHE B 284 6.27 -12.80 -2.47
CA PHE B 284 7.19 -12.75 -3.60
C PHE B 284 8.30 -11.74 -3.31
N PRO B 285 9.51 -12.23 -2.99
CA PRO B 285 9.90 -13.64 -2.89
C PRO B 285 9.16 -14.43 -1.81
N TYR B 286 9.22 -15.74 -1.96
CA TYR B 286 8.58 -16.67 -1.02
C TYR B 286 8.90 -16.37 0.46
N ALA B 287 7.85 -16.32 1.28
CA ALA B 287 7.98 -16.07 2.71
C ALA B 287 8.59 -14.70 3.09
N ASN B 288 8.49 -13.73 2.19
CA ASN B 288 9.06 -12.41 2.48
C ASN B 288 8.18 -11.67 3.50
N HIS B 289 7.14 -12.35 3.97
CA HIS B 289 6.24 -11.74 4.95
C HIS B 289 6.73 -12.00 6.38
N LYS B 290 7.68 -12.92 6.51
CA LYS B 290 8.24 -13.26 7.82
C LYS B 290 9.61 -12.62 8.05
#